data_3HBK
#
_entry.id   3HBK
#
_cell.length_a   61.009
_cell.length_b   61.009
_cell.length_c   167.332
_cell.angle_alpha   90.000
_cell.angle_beta   90.000
_cell.angle_gamma   90.000
#
_symmetry.space_group_name_H-M   'P 41 21 2'
#
loop_
_entity.id
_entity.type
_entity.pdbx_description
1 polymer 'putative glycosyl hydrolase'
2 non-polymer 'SULFATE ION'
3 non-polymer 1,2-ETHANEDIOL
4 water water
#
_entity_poly.entity_id   1
_entity_poly.type   'polypeptide(L)'
_entity_poly.pdbx_seq_one_letter_code
;GTEETAKVVP(MSE)AVITPAINQLTDQEKAEGWALLFDGKTTKGWRGAHKDAFPDHGW(MSE)VKDGELIVQKSDGSES
TNGGDIVTEGEYSAFEFSVDFKITEGANSGIKYFVTEQEKQKGSAYGLEFQLLDDAKHPDAKLYTTFPGSRTLGSLYDLK
KSENIHFNGVGEWNTAVVKVFPNNHVEHWLNGVKVLEYERGSKEFRDLVKGSKYADPSYNAGGAFGEAPKGHILLQDHGD
EVAFRNIKVKELK
;
_entity_poly.pdbx_strand_id   A
#
# COMPACT_ATOMS: atom_id res chain seq x y z
N THR A 15 -12.28 -1.03 23.34
CA THR A 15 -11.42 -0.57 22.21
C THR A 15 -10.14 0.10 22.73
N PRO A 16 -8.96 -0.30 22.18
CA PRO A 16 -7.73 0.36 22.61
C PRO A 16 -7.67 1.74 21.97
N ALA A 17 -6.80 2.61 22.48
CA ALA A 17 -6.64 3.93 21.90
C ALA A 17 -6.10 3.75 20.47
N ILE A 18 -6.43 4.69 19.59
CA ILE A 18 -5.93 4.64 18.23
C ILE A 18 -4.43 4.97 18.29
N ASN A 19 -3.70 4.45 17.31
CA ASN A 19 -2.28 4.71 17.13
C ASN A 19 -1.40 4.34 18.33
N GLN A 20 -1.70 3.19 18.94
CA GLN A 20 -0.86 2.59 19.97
C GLN A 20 -1.05 1.06 19.97
N LEU A 21 0.02 0.34 20.32
CA LEU A 21 -0.01 -1.13 20.36
C LEU A 21 -0.68 -1.56 21.65
N THR A 22 -1.32 -2.73 21.61
CA THR A 22 -2.09 -3.24 22.73
C THR A 22 -1.35 -3.99 23.85
N ASP A 23 -0.06 -3.75 24.12
CA ASP A 23 0.70 -4.55 25.17
C ASP A 23 0.83 -6.04 24.78
N GLN A 24 -0.20 -6.56 24.10
CA GLN A 24 -0.19 -7.87 23.50
C GLN A 24 0.47 -7.78 22.13
N GLU A 25 0.11 -6.75 21.37
CA GLU A 25 0.74 -6.53 20.07
C GLU A 25 2.22 -6.24 20.29
N LYS A 26 2.56 -5.51 21.35
CA LYS A 26 3.97 -5.23 21.67
C LYS A 26 4.66 -6.56 21.96
N ALA A 27 4.01 -7.42 22.75
CA ALA A 27 4.53 -8.76 23.09
C ALA A 27 4.70 -9.69 21.88
N GLU A 28 3.81 -9.56 20.90
CA GLU A 28 3.87 -10.34 19.67
C GLU A 28 4.94 -9.85 18.66
N GLY A 29 5.54 -8.69 18.94
CA GLY A 29 6.60 -8.14 18.12
C GLY A 29 6.15 -7.09 17.13
N TRP A 30 5.02 -6.45 17.39
CA TRP A 30 4.56 -5.36 16.55
C TRP A 30 5.35 -4.10 16.88
N ALA A 31 5.53 -3.28 15.83
CA ALA A 31 6.24 -2.00 15.89
C ALA A 31 5.26 -1.00 15.33
N LEU A 32 5.09 0.13 16.02
CA LEU A 32 4.15 1.17 15.60
C LEU A 32 4.90 2.05 14.59
N LEU A 33 4.32 2.19 13.39
CA LEU A 33 4.94 2.97 12.28
C LEU A 33 4.52 4.42 12.21
N PHE A 34 3.34 4.72 12.73
CA PHE A 34 2.82 6.10 12.81
C PHE A 34 2.39 6.36 14.25
N ASP A 35 2.90 7.43 14.86
CA ASP A 35 2.60 7.73 16.28
C ASP A 35 1.32 8.51 16.56
N GLY A 36 0.59 8.88 15.51
CA GLY A 36 -0.67 9.61 15.65
C GLY A 36 -0.54 11.13 15.68
N LYS A 37 0.70 11.61 15.78
CA LYS A 37 0.96 13.05 15.93
C LYS A 37 1.99 13.64 14.96
N THR A 38 2.97 12.85 14.53
CA THR A 38 4.06 13.30 13.68
C THR A 38 4.23 12.37 12.49
N THR A 39 5.14 12.75 11.61
CA THR A 39 5.47 11.96 10.43
C THR A 39 6.79 11.22 10.64
N LYS A 40 7.24 11.08 11.89
CA LYS A 40 8.44 10.33 12.23
C LYS A 40 8.27 8.90 11.73
N GLY A 41 9.31 8.40 11.06
CA GLY A 41 9.30 7.06 10.46
C GLY A 41 8.95 7.08 8.97
N TRP A 42 8.53 8.24 8.46
CA TRP A 42 8.11 8.36 7.06
C TRP A 42 8.79 9.49 6.33
N ARG A 43 8.99 9.28 5.03
CA ARG A 43 9.53 10.32 4.16
C ARG A 43 8.85 10.14 2.84
N GLY A 44 9.09 11.07 1.92
CA GLY A 44 8.49 10.99 0.60
C GLY A 44 9.24 10.03 -0.31
N ALA A 45 8.54 9.40 -1.23
CA ALA A 45 9.19 8.48 -2.18
C ALA A 45 10.22 9.31 -3.00
N HIS A 46 11.45 8.79 -3.11
CA HIS A 46 12.56 9.46 -3.81
C HIS A 46 12.96 10.81 -3.19
N LYS A 47 12.67 11.02 -1.90
CA LYS A 47 12.97 12.27 -1.21
C LYS A 47 13.67 11.97 0.10
N ASP A 48 14.48 12.91 0.57
CA ASP A 48 15.20 12.75 1.84
C ASP A 48 14.33 12.97 3.09
N ALA A 49 13.16 13.58 2.92
CA ALA A 49 12.29 13.89 4.05
C ALA A 49 10.81 13.83 3.65
N PHE A 50 9.92 13.99 4.63
CA PHE A 50 8.49 14.00 4.38
C PHE A 50 8.10 15.19 3.47
N PRO A 51 7.17 15.02 2.52
CA PRO A 51 6.82 16.16 1.68
C PRO A 51 6.31 17.39 2.44
N ASP A 52 6.67 18.59 1.96
CA ASP A 52 6.25 19.87 2.54
C ASP A 52 4.75 20.16 2.47
N HIS A 53 4.15 19.64 1.40
CA HIS A 53 2.75 19.86 1.07
CA HIS A 53 2.75 19.86 1.07
C HIS A 53 2.03 18.54 0.77
N GLY A 54 0.71 18.57 0.84
CA GLY A 54 -0.12 17.42 0.45
C GLY A 54 -0.55 16.34 1.41
N TRP A 55 -0.07 16.39 2.65
CA TRP A 55 -0.42 15.44 3.71
C TRP A 55 -0.70 16.18 5.01
N VAL A 57 -1.68 15.64 9.30
CA VAL A 57 -1.73 14.79 10.47
C VAL A 57 -2.77 15.54 11.33
N LYS A 58 -3.94 14.94 11.49
CA LYS A 58 -5.05 15.61 12.17
C LYS A 58 -5.93 14.56 12.83
N ASP A 59 -6.14 14.66 14.15
CA ASP A 59 -7.00 13.75 14.93
C ASP A 59 -6.58 12.28 14.88
N GLY A 60 -5.27 12.03 14.96
CA GLY A 60 -4.73 10.67 14.85
C GLY A 60 -4.80 10.03 13.45
N GLU A 61 -5.01 10.86 12.43
CA GLU A 61 -5.18 10.44 11.03
CA GLU A 61 -5.13 10.38 11.03
C GLU A 61 -4.01 10.98 10.22
N LEU A 62 -3.52 10.20 9.25
CA LEU A 62 -2.46 10.59 8.32
C LEU A 62 -3.24 10.69 7.01
N ILE A 63 -3.51 11.91 6.55
CA ILE A 63 -4.40 12.12 5.43
C ILE A 63 -3.74 12.65 4.16
N VAL A 64 -4.03 12.03 3.03
CA VAL A 64 -3.57 12.52 1.73
C VAL A 64 -4.57 13.64 1.35
N GLN A 65 -4.06 14.82 1.01
CA GLN A 65 -4.90 15.94 0.59
C GLN A 65 -5.34 15.78 -0.89
N LYS A 66 -6.63 16.01 -1.15
CA LYS A 66 -7.20 15.94 -2.48
C LYS A 66 -6.48 16.95 -3.37
N SER A 67 -6.21 16.58 -4.61
CA SER A 67 -5.55 17.48 -5.51
C SER A 67 -6.50 18.51 -6.07
N ASP A 68 -6.12 19.79 -6.00
CA ASP A 68 -6.89 20.85 -6.66
C ASP A 68 -6.23 21.14 -8.02
N GLY A 69 -5.26 20.30 -8.41
CA GLY A 69 -4.51 20.44 -9.65
C GLY A 69 -3.17 21.10 -9.45
N SER A 70 -3.00 21.81 -8.32
CA SER A 70 -1.78 22.57 -8.04
C SER A 70 -0.75 21.79 -7.20
N GLU A 71 0.49 22.31 -7.22
CA GLU A 71 1.62 21.71 -6.54
C GLU A 71 1.47 21.57 -5.04
N SER A 72 0.78 22.53 -4.43
CA SER A 72 0.60 22.56 -2.97
CA SER A 72 0.59 22.57 -2.97
C SER A 72 -0.38 21.53 -2.42
N THR A 73 -1.16 20.89 -3.30
CA THR A 73 -2.11 19.86 -2.87
C THR A 73 -1.63 18.46 -3.26
N ASN A 74 -0.42 18.40 -3.83
CA ASN A 74 0.17 17.14 -4.28
C ASN A 74 1.54 16.86 -3.66
N GLY A 75 1.56 16.09 -2.56
CA GLY A 75 2.79 15.74 -1.85
C GLY A 75 3.52 14.51 -2.35
N GLY A 76 2.80 13.60 -2.96
CA GLY A 76 3.42 12.38 -3.50
C GLY A 76 3.38 11.24 -2.50
N ASP A 77 3.77 10.07 -2.97
CA ASP A 77 3.74 8.86 -2.15
C ASP A 77 4.70 9.04 -0.99
N ILE A 78 4.42 8.33 0.10
CA ILE A 78 5.31 8.35 1.25
C ILE A 78 5.77 6.91 1.50
N VAL A 79 7.00 6.77 1.96
CA VAL A 79 7.56 5.45 2.23
C VAL A 79 8.11 5.39 3.64
N THR A 80 8.08 4.19 4.22
CA THR A 80 8.68 3.94 5.52
C THR A 80 10.20 4.13 5.38
N GLU A 81 10.83 4.69 6.41
CA GLU A 81 12.28 4.88 6.39
C GLU A 81 13.03 3.53 6.35
N GLY A 82 12.39 2.49 6.89
CA GLY A 82 12.96 1.15 6.89
C GLY A 82 12.52 0.28 5.73
N GLU A 83 13.22 -0.83 5.57
CA GLU A 83 12.96 -1.83 4.54
C GLU A 83 12.54 -3.15 5.20
N TYR A 84 11.65 -3.89 4.54
CA TYR A 84 11.11 -5.14 5.09
C TYR A 84 11.20 -6.28 4.09
N SER A 85 11.44 -7.49 4.58
CA SER A 85 11.51 -8.69 3.75
C SER A 85 10.38 -9.66 4.11
N ALA A 86 10.40 -10.19 5.32
CA ALA A 86 9.32 -11.03 5.84
C ALA A 86 8.61 -10.18 6.91
N PHE A 87 7.32 -9.95 6.73
CA PHE A 87 6.58 -9.07 7.63
C PHE A 87 5.08 -9.24 7.58
N GLU A 88 4.43 -8.66 8.58
CA GLU A 88 3.00 -8.57 8.64
C GLU A 88 2.73 -7.06 8.85
N PHE A 89 2.20 -6.41 7.82
CA PHE A 89 1.90 -4.97 7.83
C PHE A 89 0.39 -4.71 7.92
N SER A 90 -0.02 -3.85 8.86
CA SER A 90 -1.42 -3.49 9.03
C SER A 90 -1.65 -1.98 9.02
N VAL A 91 -2.75 -1.57 8.36
CA VAL A 91 -3.14 -0.18 8.28
C VAL A 91 -4.66 -0.02 8.18
N ASP A 92 -5.19 0.90 8.98
CA ASP A 92 -6.61 1.27 8.89
C ASP A 92 -6.67 2.42 7.88
N PHE A 93 -7.67 2.38 7.02
CA PHE A 93 -7.83 3.37 5.97
C PHE A 93 -9.31 3.72 5.80
N LYS A 94 -9.55 4.98 5.41
CA LYS A 94 -10.89 5.51 5.18
C LYS A 94 -10.82 6.31 3.89
N ILE A 95 -11.60 5.91 2.89
CA ILE A 95 -11.60 6.60 1.60
C ILE A 95 -12.84 7.48 1.35
N THR A 96 -12.65 8.49 0.50
CA THR A 96 -13.72 9.37 0.04
C THR A 96 -14.30 8.81 -1.25
N GLU A 97 -15.43 9.35 -1.68
CA GLU A 97 -16.11 8.89 -2.88
C GLU A 97 -15.21 8.94 -4.11
N GLY A 98 -15.14 7.84 -4.84
CA GLY A 98 -14.33 7.72 -6.05
C GLY A 98 -12.84 7.86 -5.80
N ALA A 99 -12.39 7.49 -4.60
CA ALA A 99 -10.98 7.64 -4.21
C ALA A 99 -10.14 6.48 -4.63
N ASN A 100 -8.86 6.77 -4.85
CA ASN A 100 -7.87 5.77 -5.21
C ASN A 100 -6.59 6.02 -4.40
N SER A 101 -6.08 4.93 -3.81
CA SER A 101 -4.80 4.94 -3.10
C SER A 101 -4.22 3.53 -3.21
N GLY A 102 -3.34 3.18 -2.29
CA GLY A 102 -2.72 1.87 -2.32
C GLY A 102 -1.61 1.71 -1.30
N ILE A 103 -1.43 0.47 -0.86
CA ILE A 103 -0.31 0.06 0.01
C ILE A 103 0.63 -0.72 -0.90
N LYS A 104 1.85 -0.23 -1.11
CA LYS A 104 2.83 -0.99 -1.93
C LYS A 104 3.95 -1.49 -1.03
N TYR A 105 4.53 -2.61 -1.45
CA TYR A 105 5.58 -3.26 -0.70
C TYR A 105 6.67 -3.74 -1.68
N PHE A 106 7.80 -4.11 -1.11
CA PHE A 106 9.00 -4.37 -1.89
C PHE A 106 9.30 -3.19 -2.80
N VAL A 107 9.09 -1.99 -2.28
CA VAL A 107 9.35 -0.74 -2.98
C VAL A 107 10.83 -0.41 -2.87
N THR A 108 11.53 -0.50 -3.99
CA THR A 108 12.92 -0.11 -4.05
C THR A 108 12.83 1.19 -4.81
N GLU A 109 13.74 2.08 -4.54
CA GLU A 109 13.78 3.32 -5.27
C GLU A 109 14.95 3.18 -6.26
N GLN A 110 15.44 1.95 -6.41
CA GLN A 110 16.51 1.61 -7.37
C GLN A 110 15.92 1.63 -8.79
N GLU A 111 15.74 2.86 -9.28
CA GLU A 111 15.14 3.16 -10.59
C GLU A 111 15.10 4.69 -10.72
N LYS A 112 15.02 5.21 -11.95
CA LYS A 112 15.01 6.68 -12.18
C LYS A 112 13.88 7.38 -11.41
N GLN A 113 14.21 8.45 -10.67
CA GLN A 113 13.24 9.22 -9.85
C GLN A 113 11.90 9.56 -10.56
N LYS A 114 11.95 9.55 -11.90
CA LYS A 114 10.81 9.77 -12.82
C LYS A 114 9.64 8.78 -12.57
N GLY A 115 8.42 9.24 -12.86
CA GLY A 115 7.21 8.44 -12.72
C GLY A 115 6.72 8.39 -11.28
N SER A 116 6.96 7.25 -10.64
CA SER A 116 6.57 7.02 -9.26
C SER A 116 7.49 5.94 -8.68
N ALA A 117 7.36 5.68 -7.38
CA ALA A 117 8.06 4.58 -6.76
C ALA A 117 7.11 3.43 -7.02
N TYR A 118 7.63 2.33 -7.57
CA TYR A 118 6.80 1.19 -7.86
C TYR A 118 7.13 -0.03 -6.99
N GLY A 119 6.19 -0.94 -6.96
CA GLY A 119 6.28 -2.16 -6.19
C GLY A 119 4.92 -2.84 -6.27
N LEU A 120 4.83 -3.98 -5.62
CA LEU A 120 3.60 -4.78 -5.54
C LEU A 120 2.61 -3.99 -4.72
N GLU A 121 1.35 -4.03 -5.10
CA GLU A 121 0.32 -3.19 -4.47
C GLU A 121 -0.96 -3.89 -4.07
N PHE A 122 -1.43 -3.53 -2.88
CA PHE A 122 -2.73 -3.89 -2.33
C PHE A 122 -3.53 -2.65 -2.71
N GLN A 123 -4.33 -2.77 -3.76
CA GLN A 123 -5.17 -1.68 -4.27
C GLN A 123 -6.23 -1.23 -3.26
N LEU A 124 -6.32 0.10 -3.10
CA LEU A 124 -7.34 0.73 -2.27
C LEU A 124 -8.14 1.57 -3.26
N LEU A 125 -9.43 1.27 -3.40
CA LEU A 125 -10.25 1.90 -4.41
C LEU A 125 -11.72 1.91 -4.03
N ASP A 126 -12.45 2.89 -4.57
CA ASP A 126 -13.90 2.90 -4.50
C ASP A 126 -14.28 2.26 -5.83
N ASP A 127 -14.52 0.95 -5.81
CA ASP A 127 -14.88 0.18 -7.01
C ASP A 127 -16.15 0.66 -7.73
N ALA A 128 -17.12 1.16 -6.97
CA ALA A 128 -18.40 1.59 -7.55
C ALA A 128 -18.28 2.86 -8.36
N LYS A 129 -17.30 3.71 -8.00
CA LYS A 129 -17.13 5.02 -8.61
C LYS A 129 -15.89 5.22 -9.49
N HIS A 130 -14.73 4.70 -9.08
CA HIS A 130 -13.52 4.95 -9.85
C HIS A 130 -13.49 4.22 -11.20
N PRO A 131 -13.13 4.95 -12.30
CA PRO A 131 -13.06 4.33 -13.65
C PRO A 131 -11.91 3.30 -13.88
N ASP A 132 -11.06 3.07 -12.89
CA ASP A 132 -9.98 2.10 -12.98
C ASP A 132 -10.47 0.73 -12.47
N ALA A 133 -11.59 0.73 -11.75
CA ALA A 133 -12.13 -0.51 -11.16
C ALA A 133 -12.42 -1.61 -12.18
N LYS A 134 -12.91 -1.21 -13.35
CA LYS A 134 -13.31 -2.13 -14.41
C LYS A 134 -12.19 -2.39 -15.43
N LEU A 135 -11.03 -1.75 -15.25
CA LEU A 135 -9.90 -1.92 -16.18
C LEU A 135 -8.88 -2.98 -15.73
N TYR A 136 -8.08 -3.43 -16.70
CA TYR A 136 -7.06 -4.44 -16.47
C TYR A 136 -6.24 -4.65 -17.74
N THR A 137 -4.96 -4.96 -17.62
CA THR A 137 -4.19 -5.29 -18.82
C THR A 137 -4.64 -6.64 -19.38
N THR A 138 -4.76 -7.65 -18.50
CA THR A 138 -5.13 -9.02 -18.91
C THR A 138 -6.13 -9.76 -18.00
N PHE A 139 -6.06 -9.52 -16.69
CA PHE A 139 -6.83 -10.29 -15.70
C PHE A 139 -8.04 -9.52 -15.15
N PRO A 140 -9.25 -9.95 -15.49
CA PRO A 140 -10.44 -9.24 -14.98
C PRO A 140 -10.47 -9.00 -13.47
N GLY A 141 -10.82 -7.78 -13.07
CA GLY A 141 -10.95 -7.40 -11.66
C GLY A 141 -9.65 -7.17 -10.90
N SER A 142 -8.53 -7.26 -11.59
CA SER A 142 -7.22 -7.15 -10.95
C SER A 142 -6.87 -5.72 -10.45
N ARG A 143 -7.70 -4.74 -10.78
CA ARG A 143 -7.51 -3.35 -10.32
C ARG A 143 -8.55 -2.89 -9.28
N THR A 144 -9.31 -3.83 -8.72
CA THR A 144 -10.31 -3.54 -7.70
C THR A 144 -9.67 -3.62 -6.30
N LEU A 145 -10.40 -3.07 -5.32
CA LEU A 145 -10.00 -3.07 -3.90
C LEU A 145 -9.50 -4.41 -3.40
N GLY A 146 -8.34 -4.38 -2.72
CA GLY A 146 -7.70 -5.58 -2.17
C GLY A 146 -6.88 -6.42 -3.15
N SER A 147 -7.09 -6.24 -4.45
CA SER A 147 -6.39 -7.04 -5.45
CA SER A 147 -6.39 -7.01 -5.49
C SER A 147 -4.92 -6.67 -5.49
N LEU A 148 -4.14 -7.56 -6.11
CA LEU A 148 -2.72 -7.36 -6.33
C LEU A 148 -2.78 -6.62 -7.67
N TYR A 149 -2.61 -5.31 -7.63
CA TYR A 149 -2.82 -4.43 -8.78
C TYR A 149 -2.28 -4.91 -10.14
N ASP A 150 -3.24 -5.14 -11.04
CA ASP A 150 -3.05 -5.52 -12.45
C ASP A 150 -2.56 -6.95 -12.65
N LEU A 151 -2.47 -7.71 -11.56
CA LEU A 151 -1.94 -9.05 -11.55
C LEU A 151 -2.95 -10.12 -11.12
N LYS A 152 -3.60 -9.91 -9.98
CA LYS A 152 -4.49 -10.93 -9.41
C LYS A 152 -5.66 -10.33 -8.67
N LYS A 153 -6.87 -10.73 -9.05
CA LYS A 153 -8.12 -10.24 -8.46
C LYS A 153 -8.39 -10.77 -7.04
N SER A 154 -8.84 -9.86 -6.17
CA SER A 154 -9.23 -10.20 -4.81
C SER A 154 -10.62 -10.84 -4.76
N GLU A 155 -10.86 -11.68 -3.76
CA GLU A 155 -12.15 -12.30 -3.55
C GLU A 155 -12.53 -12.07 -2.10
N ASN A 156 -13.78 -12.39 -1.72
CA ASN A 156 -14.22 -12.30 -0.34
C ASN A 156 -14.05 -10.92 0.28
N ILE A 157 -14.37 -9.88 -0.49
CA ILE A 157 -14.20 -8.50 -0.04
C ILE A 157 -15.43 -7.98 0.71
N HIS A 158 -15.24 -7.68 1.98
CA HIS A 158 -16.28 -7.09 2.81
C HIS A 158 -15.81 -5.68 3.16
N PHE A 159 -16.09 -4.76 2.25
CA PHE A 159 -15.77 -3.34 2.36
C PHE A 159 -16.81 -2.59 3.20
N ASN A 160 -16.36 -1.88 4.24
CA ASN A 160 -17.24 -1.12 5.16
C ASN A 160 -17.92 0.12 4.55
N GLY A 161 -17.45 0.56 3.39
CA GLY A 161 -18.05 1.69 2.68
C GLY A 161 -17.19 2.94 2.64
N VAL A 162 -17.53 3.85 1.72
CA VAL A 162 -16.89 5.16 1.61
C VAL A 162 -17.17 5.91 2.91
N GLY A 163 -16.15 6.58 3.43
CA GLY A 163 -16.28 7.32 4.69
C GLY A 163 -16.19 6.45 5.94
N GLU A 164 -15.98 5.15 5.78
CA GLU A 164 -15.88 4.25 6.92
C GLU A 164 -14.46 3.67 7.00
N TRP A 165 -14.08 3.29 8.22
CA TRP A 165 -12.78 2.68 8.50
C TRP A 165 -12.76 1.19 8.15
N ASN A 166 -11.65 0.77 7.54
CA ASN A 166 -11.39 -0.60 7.17
C ASN A 166 -9.95 -0.89 7.55
N THR A 167 -9.59 -2.17 7.69
CA THR A 167 -8.21 -2.58 7.99
C THR A 167 -7.68 -3.43 6.86
N ALA A 168 -6.54 -3.04 6.32
CA ALA A 168 -5.86 -3.77 5.25
C ALA A 168 -4.61 -4.38 5.86
N VAL A 169 -4.37 -5.67 5.57
CA VAL A 169 -3.14 -6.31 6.01
C VAL A 169 -2.40 -6.94 4.81
N VAL A 170 -1.09 -6.78 4.78
CA VAL A 170 -0.22 -7.50 3.85
C VAL A 170 0.69 -8.40 4.71
N LYS A 171 0.72 -9.71 4.40
CA LYS A 171 1.60 -10.65 5.08
C LYS A 171 2.51 -11.30 4.04
N VAL A 172 3.81 -11.13 4.22
CA VAL A 172 4.83 -11.75 3.38
C VAL A 172 5.68 -12.64 4.31
N PHE A 173 5.50 -13.95 4.19
CA PHE A 173 6.19 -14.92 5.02
C PHE A 173 7.63 -15.13 4.55
N PRO A 174 8.50 -15.70 5.41
CA PRO A 174 9.88 -16.07 5.01
C PRO A 174 9.81 -17.01 3.80
N ASN A 175 8.78 -17.83 3.87
CA ASN A 175 8.32 -18.77 2.86
C ASN A 175 8.04 -18.18 1.44
N ASN A 176 7.90 -16.85 1.34
CA ASN A 176 7.54 -16.09 0.11
C ASN A 176 6.08 -16.21 -0.31
N HIS A 177 5.28 -16.77 0.59
CA HIS A 177 3.86 -16.88 0.43
C HIS A 177 3.36 -15.50 0.84
N VAL A 178 2.48 -14.91 0.03
CA VAL A 178 1.93 -13.59 0.33
C VAL A 178 0.40 -13.67 0.48
N GLU A 179 -0.13 -12.91 1.42
CA GLU A 179 -1.56 -12.82 1.71
C GLU A 179 -2.00 -11.36 1.91
N HIS A 180 -3.17 -11.03 1.35
CA HIS A 180 -3.85 -9.75 1.52
C HIS A 180 -5.10 -10.06 2.34
N TRP A 181 -5.37 -9.26 3.36
CA TRP A 181 -6.57 -9.36 4.19
C TRP A 181 -7.29 -8.01 4.22
N LEU A 182 -8.62 -8.03 4.22
CA LEU A 182 -9.42 -6.81 4.37
C LEU A 182 -10.47 -7.08 5.43
N ASN A 183 -10.40 -6.31 6.52
CA ASN A 183 -11.34 -6.42 7.62
C ASN A 183 -11.43 -7.82 8.21
N GLY A 184 -10.27 -8.42 8.44
CA GLY A 184 -10.21 -9.74 9.07
C GLY A 184 -10.48 -10.94 8.19
N VAL A 185 -10.78 -10.72 6.91
CA VAL A 185 -11.00 -11.81 5.94
C VAL A 185 -9.85 -11.82 4.93
N LYS A 186 -9.33 -13.00 4.62
CA LYS A 186 -8.24 -13.18 3.65
C LYS A 186 -8.85 -13.01 2.28
N VAL A 187 -8.35 -12.07 1.50
CA VAL A 187 -8.94 -11.75 0.21
C VAL A 187 -8.13 -12.17 -1.01
N LEU A 188 -6.85 -12.49 -0.80
CA LEU A 188 -5.95 -12.85 -1.89
C LEU A 188 -4.71 -13.55 -1.35
N GLU A 189 -4.13 -14.39 -2.19
CA GLU A 189 -3.03 -15.25 -1.80
C GLU A 189 -2.14 -15.54 -3.00
N TYR A 190 -0.82 -15.49 -2.85
CA TYR A 190 0.09 -15.82 -3.96
C TYR A 190 1.49 -16.13 -3.45
N GLU A 191 2.31 -16.74 -4.30
CA GLU A 191 3.70 -17.04 -3.97
C GLU A 191 4.58 -16.11 -4.79
N ARG A 192 5.27 -15.22 -4.10
CA ARG A 192 6.09 -14.20 -4.74
C ARG A 192 7.28 -14.84 -5.44
N GLY A 193 7.49 -14.44 -6.69
CA GLY A 193 8.57 -14.95 -7.50
C GLY A 193 8.35 -16.34 -8.09
N SER A 194 7.15 -16.90 -7.94
CA SER A 194 6.85 -18.21 -8.51
C SER A 194 6.75 -18.12 -10.03
N LYS A 195 6.65 -19.27 -10.70
CA LYS A 195 6.49 -19.36 -12.16
C LYS A 195 5.18 -18.68 -12.56
N GLU A 196 4.16 -18.94 -11.76
CA GLU A 196 2.80 -18.42 -11.95
C GLU A 196 2.76 -16.91 -11.75
N PHE A 197 3.44 -16.44 -10.72
CA PHE A 197 3.56 -15.02 -10.41
C PHE A 197 4.23 -14.26 -11.57
N ARG A 198 5.30 -14.82 -12.13
CA ARG A 198 6.03 -14.19 -13.24
CA ARG A 198 6.02 -14.21 -13.26
C ARG A 198 5.15 -14.11 -14.51
N ASP A 199 4.21 -15.04 -14.66
CA ASP A 199 3.25 -15.06 -15.78
C ASP A 199 2.22 -13.97 -15.55
N LEU A 200 1.83 -13.75 -14.28
CA LEU A 200 0.96 -12.62 -13.93
C LEU A 200 1.69 -11.31 -14.28
N VAL A 201 2.98 -11.21 -13.95
CA VAL A 201 3.76 -10.01 -14.27
C VAL A 201 3.82 -9.73 -15.77
N LYS A 202 4.03 -10.77 -16.59
CA LYS A 202 4.02 -10.64 -18.08
C LYS A 202 2.67 -10.26 -18.65
N GLY A 203 1.58 -10.56 -17.93
CA GLY A 203 0.24 -10.16 -18.35
C GLY A 203 -0.19 -8.82 -17.78
N SER A 204 0.70 -8.12 -17.09
CA SER A 204 0.40 -6.81 -16.49
C SER A 204 1.24 -5.71 -17.12
N LYS A 205 0.99 -4.48 -16.66
CA LYS A 205 1.76 -3.31 -17.09
C LYS A 205 3.21 -3.32 -16.61
N TYR A 206 3.52 -4.18 -15.64
CA TYR A 206 4.84 -4.30 -15.05
C TYR A 206 5.81 -5.13 -15.85
N ALA A 207 5.31 -5.66 -16.98
CA ALA A 207 6.10 -6.39 -17.96
C ALA A 207 7.01 -5.44 -18.74
N ASP A 208 6.69 -4.15 -18.73
CA ASP A 208 7.46 -3.14 -19.46
C ASP A 208 8.86 -3.07 -18.85
N PRO A 209 9.90 -3.00 -19.69
CA PRO A 209 11.27 -3.00 -19.19
C PRO A 209 11.60 -1.95 -18.10
N SER A 210 10.85 -0.85 -18.06
CA SER A 210 11.06 0.22 -17.07
C SER A 210 10.84 -0.24 -15.64
N TYR A 211 10.08 -1.31 -15.45
CA TYR A 211 9.78 -1.87 -14.13
C TYR A 211 10.69 -3.02 -13.73
N ASN A 212 11.51 -3.46 -14.68
CA ASN A 212 12.35 -4.63 -14.48
C ASN A 212 13.85 -4.35 -14.64
N ALA A 213 14.22 -3.07 -14.67
CA ALA A 213 15.63 -2.70 -14.74
C ALA A 213 16.09 -2.63 -13.29
N GLY A 214 17.17 -3.35 -12.99
CA GLY A 214 17.68 -3.43 -11.62
C GLY A 214 17.22 -4.71 -10.93
N GLY A 215 16.30 -5.45 -11.54
CA GLY A 215 15.81 -6.71 -11.00
C GLY A 215 14.39 -6.97 -11.45
N ALA A 216 13.95 -8.23 -11.34
CA ALA A 216 12.62 -8.65 -11.75
C ALA A 216 11.61 -7.93 -10.89
N PHE A 217 10.52 -7.47 -11.50
CA PHE A 217 9.48 -6.73 -10.78
C PHE A 217 8.90 -7.49 -9.60
N GLY A 218 8.86 -6.84 -8.45
CA GLY A 218 8.31 -7.40 -7.23
C GLY A 218 9.12 -8.49 -6.53
N GLU A 219 10.37 -8.70 -6.95
CA GLU A 219 11.22 -9.75 -6.40
C GLU A 219 12.44 -9.29 -5.60
N ALA A 220 12.41 -8.07 -5.06
CA ALA A 220 13.54 -7.56 -4.27
C ALA A 220 13.64 -8.33 -2.96
N PRO A 221 14.86 -8.64 -2.47
CA PRO A 221 14.90 -9.33 -1.19
C PRO A 221 14.11 -8.58 -0.11
N LYS A 222 14.24 -7.26 -0.12
CA LYS A 222 13.56 -6.39 0.81
C LYS A 222 13.19 -5.08 0.14
N GLY A 223 12.24 -4.37 0.73
CA GLY A 223 11.86 -3.06 0.23
C GLY A 223 11.06 -2.25 1.23
N HIS A 224 10.81 -1.00 0.88
CA HIS A 224 10.04 -0.09 1.68
C HIS A 224 8.58 -0.39 1.51
N ILE A 225 7.78 0.08 2.46
CA ILE A 225 6.33 -0.03 2.40
C ILE A 225 5.89 1.40 2.09
N LEU A 226 4.97 1.54 1.13
CA LEU A 226 4.54 2.82 0.61
C LEU A 226 3.03 3.02 0.68
N LEU A 227 2.63 4.25 1.00
CA LEU A 227 1.21 4.65 1.00
C LEU A 227 1.11 5.62 -0.16
N GLN A 228 0.17 5.37 -1.04
CA GLN A 228 0.05 6.13 -2.26
C GLN A 228 -0.82 7.37 -2.23
N ASP A 229 -0.29 8.42 -2.87
CA ASP A 229 -0.98 9.67 -3.12
C ASP A 229 -1.35 9.65 -4.59
N HIS A 230 -2.62 9.37 -4.87
CA HIS A 230 -3.13 9.33 -6.23
C HIS A 230 -4.05 10.54 -6.48
N GLY A 231 -3.98 11.55 -5.62
CA GLY A 231 -4.78 12.77 -5.77
C GLY A 231 -6.14 12.83 -5.10
N ASP A 232 -6.49 11.77 -4.38
CA ASP A 232 -7.79 11.66 -3.73
C ASP A 232 -7.56 11.62 -2.22
N GLU A 233 -8.53 12.11 -1.47
CA GLU A 233 -8.41 12.12 -0.02
C GLU A 233 -8.67 10.74 0.56
N VAL A 234 -7.67 10.26 1.32
CA VAL A 234 -7.70 8.98 1.99
C VAL A 234 -7.01 9.24 3.34
N ALA A 235 -7.52 8.64 4.42
CA ALA A 235 -6.94 8.80 5.75
C ALA A 235 -6.46 7.46 6.23
N PHE A 236 -5.36 7.48 6.96
CA PHE A 236 -4.75 6.30 7.53
C PHE A 236 -4.49 6.46 9.04
N ARG A 237 -4.55 5.35 9.75
CA ARG A 237 -4.21 5.30 11.17
C ARG A 237 -3.94 3.86 11.56
N ASN A 238 -3.52 3.65 12.80
CA ASN A 238 -3.21 2.32 13.32
C ASN A 238 -2.25 1.65 12.35
N ILE A 239 -1.12 2.31 12.09
CA ILE A 239 -0.12 1.82 11.13
C ILE A 239 0.96 1.11 11.94
N LYS A 240 1.10 -0.20 11.71
CA LYS A 240 2.00 -1.04 12.49
C LYS A 240 2.59 -2.17 11.64
N VAL A 241 3.72 -2.72 12.09
CA VAL A 241 4.41 -3.79 11.38
C VAL A 241 5.08 -4.79 12.35
N LYS A 242 4.94 -6.07 12.04
CA LYS A 242 5.59 -7.14 12.80
C LYS A 242 6.48 -7.88 11.80
N GLU A 243 7.79 -7.82 12.00
CA GLU A 243 8.74 -8.52 11.13
C GLU A 243 8.77 -10.01 11.52
N LEU A 244 8.61 -10.88 10.52
CA LEU A 244 8.58 -12.33 10.70
C LEU A 244 9.99 -12.94 10.58
N LYS A 245 10.32 -13.85 11.50
CA LYS A 245 11.61 -14.55 11.50
C LYS A 245 11.34 -16.02 11.20
#